data_7B86
#
_entry.id   7B86
#
_cell.length_a   59.977
_cell.length_b   73.428
_cell.length_c   78.471
_cell.angle_alpha   90.000
_cell.angle_beta   90.000
_cell.angle_gamma   90.000
#
_symmetry.space_group_name_H-M   'P 21 21 21'
#
loop_
_entity.id
_entity.type
_entity.pdbx_description
1 polymer 'Palmitoleoyl-protein carboxylesterase NOTUM'
2 non-polymer 'SULFATE ION'
3 non-polymer 2-acetamido-2-deoxy-beta-D-glucopyranose
4 non-polymer 2-[4-(1~{H}-pyrazol-3-yl)phenoxy]pyrimidine
5 non-polymer 1,2-ETHANEDIOL
6 water water
#
_entity_poly.entity_id   1
_entity_poly.type   'polypeptide(L)'
_entity_poly.pdbx_seq_one_letter_code
;ETGSAQQLNEDLRLHLLLNTSVTCNDGSPAGYYLKESRGSRRWLLFLEGGWYCFNRENCDSRYDTMRRLMSSRDWPRTRT
GTGILSSQPEENPYWWNANMVFIPYCSSDVWSGASSKSEKNEYAFMGALIIQEVVRELLGRGLSGAKVLLLAGSSAGGTG
VLLNVDRVAEQLEKLGYPAIQVRGLADSGWFLDNKQYRHTDCVDTITCAPTEAIRRGIRYWNGVVPERCRRQFQEGEEWN
CFFGYKVYPTLRSPVFVVQWLFDEAQLTVDNVHLTGQPVQEGLRLYIQNLGRELRHTLKDVPASFAPACLSHEIIIRSHW
TDVQVKGTSLPRALHCWDRSLHDSHKASKTPLKGCPVHLVDSCPWPHCNPSCPTGTKHHHHHH
;
_entity_poly.pdbx_strand_id   A
#
loop_
_chem_comp.id
_chem_comp.type
_chem_comp.name
_chem_comp.formula
AW7 non-polymer 2-[4-(1~{H}-pyrazol-3-yl)phenoxy]pyrimidine 'C13 H10 N4 O'
EDO non-polymer 1,2-ETHANEDIOL 'C2 H6 O2'
NAG D-saccharide, beta linking 2-acetamido-2-deoxy-beta-D-glucopyranose 'C8 H15 N O6'
SO4 non-polymer 'SULFATE ION' 'O4 S -2'
#
# COMPACT_ATOMS: atom_id res chain seq x y z
N ASP A 11 -12.67 4.93 -17.83
CA ASP A 11 -11.22 4.93 -17.90
C ASP A 11 -10.63 6.11 -17.14
N LEU A 12 -9.42 5.90 -16.62
CA LEU A 12 -8.65 6.94 -15.94
C LEU A 12 -7.64 7.52 -16.92
N ARG A 13 -7.49 8.85 -16.94
CA ARG A 13 -6.67 9.55 -17.93
C ARG A 13 -5.35 10.00 -17.30
N LEU A 14 -4.25 9.83 -18.03
CA LEU A 14 -2.93 10.18 -17.53
C LEU A 14 -2.68 11.68 -17.50
N HIS A 15 -2.11 12.16 -16.38
CA HIS A 15 -1.57 13.50 -16.24
C HIS A 15 -0.13 13.38 -15.74
N LEU A 16 0.84 13.87 -16.52
CA LEU A 16 2.21 13.97 -16.03
C LEU A 16 2.35 15.18 -15.13
N LEU A 17 3.16 15.06 -14.09
CA LEU A 17 3.30 16.15 -13.13
C LEU A 17 3.80 17.43 -13.80
N LEU A 18 3.14 18.54 -13.48
CA LEU A 18 3.56 19.83 -14.00
C LEU A 18 4.92 20.25 -13.45
N ASN A 19 5.24 19.85 -12.23
CA ASN A 19 6.58 20.05 -11.69
C ASN A 19 7.46 18.90 -12.19
N THR A 20 8.17 19.14 -13.29
CA THR A 20 8.94 18.08 -13.92
C THR A 20 10.22 17.71 -13.18
N SER A 21 10.50 18.33 -12.03
CA SER A 21 11.62 17.93 -11.18
CA SER A 21 11.63 17.92 -11.20
C SER A 21 11.27 16.81 -10.21
N VAL A 22 10.00 16.42 -10.13
CA VAL A 22 9.57 15.27 -9.33
C VAL A 22 9.48 14.11 -10.31
N THR A 23 10.44 13.18 -10.24
CA THR A 23 10.71 12.27 -11.33
C THR A 23 10.67 10.79 -10.91
N CYS A 24 10.43 9.95 -11.90
CA CYS A 24 10.69 8.51 -11.84
C CYS A 24 12.20 8.25 -11.75
N ASN A 25 12.57 6.97 -11.63
CA ASN A 25 13.97 6.60 -11.41
C ASN A 25 14.91 7.21 -12.45
N ASP A 26 14.50 7.21 -13.72
CA ASP A 26 15.40 7.64 -14.80
C ASP A 26 15.33 9.13 -15.13
N GLY A 27 14.60 9.93 -14.36
CA GLY A 27 14.49 11.35 -14.63
C GLY A 27 13.30 11.76 -15.46
N SER A 28 12.55 10.81 -16.04
CA SER A 28 11.31 11.16 -16.70
C SER A 28 10.29 11.61 -15.65
N PRO A 29 9.32 12.46 -16.04
CA PRO A 29 8.36 12.95 -15.04
C PRO A 29 7.46 11.86 -14.51
N ALA A 30 7.14 11.94 -13.21
CA ALA A 30 6.13 11.06 -12.64
C ALA A 30 4.73 11.58 -13.00
N GLY A 31 3.69 10.92 -12.50
CA GLY A 31 2.33 11.32 -12.86
C GLY A 31 1.27 10.57 -12.11
N TYR A 32 0.02 10.69 -12.59
CA TYR A 32 -1.14 10.03 -12.01
C TYR A 32 -2.23 9.87 -13.08
N TYR A 33 -3.10 8.87 -12.89
CA TYR A 33 -4.27 8.65 -13.73
C TYR A 33 -5.51 9.03 -12.95
N LEU A 34 -6.41 9.81 -13.57
CA LEU A 34 -7.55 10.41 -12.88
C LEU A 34 -8.86 10.19 -13.61
N LYS A 35 -9.90 9.80 -12.87
CA LYS A 35 -11.28 9.87 -13.34
C LYS A 35 -12.10 10.65 -12.32
N GLU A 36 -12.60 11.82 -12.70
CA GLU A 36 -13.37 12.64 -11.78
C GLU A 36 -14.82 12.20 -11.71
N SER A 37 -15.43 12.45 -10.54
CA SER A 37 -16.85 12.21 -10.29
C SER A 37 -17.39 13.47 -9.60
N ARG A 38 -17.92 14.40 -10.41
CA ARG A 38 -18.35 15.72 -9.95
C ARG A 38 -19.37 15.66 -8.82
N GLY A 39 -20.20 14.62 -8.77
CA GLY A 39 -21.17 14.56 -7.69
C GLY A 39 -20.70 13.93 -6.40
N SER A 40 -19.39 13.79 -6.18
CA SER A 40 -18.87 13.10 -5.00
C SER A 40 -17.78 13.93 -4.34
N ARG A 41 -17.78 13.93 -3.00
CA ARG A 41 -16.70 14.53 -2.23
C ARG A 41 -15.74 13.48 -1.63
N ARG A 42 -15.75 12.26 -2.17
CA ARG A 42 -14.82 11.21 -1.75
C ARG A 42 -13.73 11.06 -2.80
N TRP A 43 -12.48 10.93 -2.33
CA TRP A 43 -11.32 10.82 -3.21
C TRP A 43 -10.48 9.62 -2.78
N LEU A 44 -10.21 8.71 -3.72
CA LEU A 44 -9.41 7.51 -3.47
C LEU A 44 -8.11 7.65 -4.27
N LEU A 45 -6.98 7.62 -3.57
CA LEU A 45 -5.66 7.73 -4.19
C LEU A 45 -4.94 6.41 -3.94
N PHE A 46 -4.69 5.64 -5.01
CA PHE A 46 -4.17 4.27 -4.91
C PHE A 46 -2.70 4.20 -5.33
N LEU A 47 -1.87 3.62 -4.46
CA LEU A 47 -0.43 3.44 -4.73
C LEU A 47 -0.16 2.03 -5.29
N GLU A 48 0.35 1.97 -6.53
CA GLU A 48 0.79 0.71 -7.13
C GLU A 48 1.97 0.12 -6.36
N GLY A 49 2.10 -1.21 -6.41
CA GLY A 49 3.25 -1.91 -5.86
C GLY A 49 4.12 -2.58 -6.93
N GLY A 50 5.04 -3.44 -6.44
CA GLY A 50 5.95 -4.17 -7.31
C GLY A 50 7.40 -4.21 -6.86
N TRP A 51 7.66 -4.74 -5.66
CA TRP A 51 9.02 -4.93 -5.11
C TRP A 51 9.76 -3.58 -5.03
N TYR A 52 11.07 -3.58 -5.30
CA TYR A 52 11.97 -2.43 -5.12
C TYR A 52 13.35 -2.86 -5.60
N CYS A 53 14.29 -1.90 -5.66
CA CYS A 53 15.69 -2.24 -5.90
C CYS A 53 16.57 -1.46 -4.92
N PHE A 54 17.76 -1.98 -4.61
CA PHE A 54 18.51 -1.44 -3.49
C PHE A 54 20.00 -1.18 -3.71
N ASN A 55 20.52 -1.39 -4.92
CA ASN A 55 21.87 -0.97 -5.27
C ASN A 55 21.96 -0.77 -6.79
N ARG A 56 23.12 -0.30 -7.25
CA ARG A 56 23.25 0.04 -8.67
C ARG A 56 23.00 -1.16 -9.57
N GLU A 57 23.61 -2.30 -9.24
CA GLU A 57 23.52 -3.47 -10.11
C GLU A 57 22.11 -4.04 -10.15
N ASN A 58 21.42 -4.13 -9.01
N ASN A 58 21.47 -4.12 -8.98
CA ASN A 58 20.07 -4.67 -9.13
CA ASN A 58 20.09 -4.58 -8.87
C ASN A 58 19.02 -3.65 -9.56
C ASN A 58 19.15 -3.66 -9.64
N CYS A 59 19.31 -2.34 -9.47
CA CYS A 59 18.45 -1.39 -10.17
C CYS A 59 18.68 -1.41 -11.69
N ASP A 60 19.93 -1.61 -12.14
CA ASP A 60 20.20 -1.74 -13.57
C ASP A 60 19.45 -2.93 -14.17
N SER A 61 19.40 -4.05 -13.45
N SER A 61 19.39 -4.06 -13.46
CA SER A 61 18.66 -5.21 -13.95
CA SER A 61 18.67 -5.21 -13.97
C SER A 61 17.18 -4.92 -14.05
C SER A 61 17.16 -4.93 -14.04
N ARG A 62 16.61 -4.27 -13.02
CA ARG A 62 15.19 -3.87 -13.06
C ARG A 62 14.91 -2.92 -14.22
N TYR A 63 15.88 -2.08 -14.59
CA TYR A 63 15.66 -1.15 -15.70
C TYR A 63 15.55 -1.87 -17.04
N ASP A 64 16.19 -3.04 -17.17
CA ASP A 64 16.14 -3.80 -18.42
C ASP A 64 14.80 -4.50 -18.64
N THR A 65 14.22 -5.06 -17.59
CA THR A 65 13.07 -5.94 -17.76
C THR A 65 11.85 -5.55 -16.95
N MET A 66 11.88 -4.43 -16.22
CA MET A 66 10.74 -3.90 -15.48
C MET A 66 10.71 -2.38 -15.59
N ARG A 67 10.90 -1.89 -16.83
CA ARG A 67 11.17 -0.48 -17.03
C ARG A 67 9.97 0.43 -16.74
N ARG A 68 8.74 -0.06 -16.93
CA ARG A 68 7.58 0.75 -16.61
C ARG A 68 7.52 1.10 -15.12
N LEU A 69 8.21 0.32 -14.27
CA LEU A 69 8.33 0.61 -12.85
C LEU A 69 9.52 1.51 -12.53
N MET A 70 10.17 2.09 -13.55
CA MET A 70 11.32 2.98 -13.38
C MET A 70 11.28 4.21 -14.27
N SER A 71 10.21 4.41 -15.06
CA SER A 71 10.21 5.38 -16.15
C SER A 71 8.77 5.60 -16.60
N SER A 72 8.45 6.83 -17.02
CA SER A 72 7.15 7.14 -17.63
C SER A 72 7.19 7.17 -19.15
N ARG A 73 8.36 6.91 -19.76
CA ARG A 73 8.52 7.10 -21.20
C ARG A 73 7.53 6.27 -22.01
N ASP A 74 7.14 5.09 -21.51
CA ASP A 74 6.29 4.17 -22.26
C ASP A 74 4.89 4.01 -21.66
N TRP A 75 4.46 4.90 -20.76
CA TRP A 75 3.15 4.75 -20.15
C TRP A 75 2.03 5.01 -21.17
N PRO A 76 0.91 4.31 -21.04
CA PRO A 76 -0.23 4.55 -21.92
C PRO A 76 -1.04 5.76 -21.48
N ARG A 77 -1.82 6.31 -22.41
CA ARG A 77 -2.58 7.53 -22.12
C ARG A 77 -3.75 7.28 -21.16
N THR A 78 -4.25 6.05 -21.08
CA THR A 78 -5.39 5.72 -20.22
C THR A 78 -5.16 4.37 -19.56
N ARG A 79 -5.89 4.15 -18.46
CA ARG A 79 -5.98 2.84 -17.80
C ARG A 79 -7.43 2.60 -17.39
N THR A 80 -7.79 1.33 -17.22
CA THR A 80 -9.12 0.94 -16.79
C THR A 80 -9.10 0.70 -15.28
N GLY A 81 -10.05 1.29 -14.56
CA GLY A 81 -10.13 1.08 -13.13
C GLY A 81 -10.85 -0.22 -12.81
N THR A 82 -10.24 -1.03 -11.94
CA THR A 82 -10.74 -2.36 -11.60
C THR A 82 -10.78 -2.52 -10.07
N GLY A 83 -11.65 -3.43 -9.62
CA GLY A 83 -11.75 -3.67 -8.19
C GLY A 83 -12.24 -2.43 -7.45
N ILE A 84 -11.52 -2.06 -6.38
CA ILE A 84 -11.85 -0.84 -5.62
C ILE A 84 -11.74 0.43 -6.47
N LEU A 85 -11.03 0.38 -7.61
CA LEU A 85 -10.98 1.52 -8.53
C LEU A 85 -12.05 1.48 -9.63
N SER A 86 -12.96 0.51 -9.59
CA SER A 86 -14.03 0.45 -10.60
C SER A 86 -15.16 1.41 -10.24
N SER A 87 -15.75 2.01 -11.28
CA SER A 87 -16.91 2.88 -11.15
C SER A 87 -18.25 2.18 -11.35
N GLN A 88 -18.25 0.83 -11.49
CA GLN A 88 -19.49 0.06 -11.62
C GLN A 88 -19.89 -0.50 -10.26
N PRO A 89 -21.11 -0.26 -9.77
CA PRO A 89 -21.48 -0.77 -8.44
C PRO A 89 -21.43 -2.28 -8.32
N GLU A 90 -21.69 -2.99 -9.41
CA GLU A 90 -21.63 -4.45 -9.38
C GLU A 90 -20.22 -4.95 -9.06
N GLU A 91 -19.20 -4.23 -9.52
CA GLU A 91 -17.81 -4.60 -9.26
C GLU A 91 -17.25 -3.95 -7.99
N ASN A 92 -17.77 -2.77 -7.59
CA ASN A 92 -17.26 -2.01 -6.45
C ASN A 92 -18.44 -1.54 -5.60
N PRO A 93 -18.95 -2.40 -4.71
CA PRO A 93 -20.08 -2.00 -3.84
C PRO A 93 -19.70 -0.90 -2.85
N TYR A 94 -18.40 -0.68 -2.61
CA TYR A 94 -17.93 0.24 -1.57
C TYR A 94 -17.98 1.71 -2.04
N TRP A 95 -17.15 2.07 -3.03
CA TRP A 95 -16.92 3.47 -3.38
C TRP A 95 -17.05 3.72 -4.90
N TRP A 96 -18.03 3.08 -5.56
CA TRP A 96 -18.11 3.18 -7.03
C TRP A 96 -18.27 4.61 -7.55
N ASN A 97 -18.82 5.54 -6.76
CA ASN A 97 -19.07 6.90 -7.23
C ASN A 97 -17.98 7.89 -6.81
N ALA A 98 -16.85 7.41 -6.27
CA ALA A 98 -15.77 8.30 -5.83
C ALA A 98 -14.96 8.85 -7.01
N ASN A 99 -14.24 9.93 -6.74
CA ASN A 99 -13.15 10.35 -7.62
C ASN A 99 -11.99 9.37 -7.49
N MET A 100 -11.50 8.85 -8.63
CA MET A 100 -10.53 7.76 -8.67
C MET A 100 -9.16 8.24 -9.16
N VAL A 101 -8.11 7.91 -8.40
CA VAL A 101 -6.73 8.23 -8.78
C VAL A 101 -5.84 7.00 -8.62
N PHE A 102 -5.12 6.65 -9.68
CA PHE A 102 -4.11 5.59 -9.69
C PHE A 102 -2.74 6.24 -9.87
N ILE A 103 -1.84 6.06 -8.91
CA ILE A 103 -0.51 6.66 -8.93
C ILE A 103 0.50 5.56 -9.28
N PRO A 104 1.07 5.55 -10.49
CA PRO A 104 2.04 4.51 -10.83
C PRO A 104 3.28 4.55 -9.95
N TYR A 105 3.81 3.35 -9.68
CA TYR A 105 5.01 3.16 -8.87
C TYR A 105 6.20 3.15 -9.82
N CYS A 106 6.94 4.27 -9.88
CA CYS A 106 8.13 4.36 -10.72
C CYS A 106 9.38 4.83 -9.96
N SER A 107 9.41 4.62 -8.64
CA SER A 107 10.53 5.07 -7.80
C SER A 107 11.29 3.93 -7.11
N SER A 108 10.78 2.69 -7.12
CA SER A 108 11.55 1.50 -6.70
C SER A 108 12.06 1.56 -5.25
N ASP A 109 11.36 2.31 -4.39
CA ASP A 109 11.83 2.68 -3.05
C ASP A 109 10.75 2.46 -1.98
N VAL A 110 9.75 1.61 -2.24
CA VAL A 110 8.63 1.41 -1.31
C VAL A 110 7.97 2.73 -0.93
N TRP A 111 7.99 3.71 -1.84
CA TRP A 111 7.37 5.01 -1.65
C TRP A 111 8.02 5.85 -0.55
N SER A 112 9.30 5.59 -0.24
CA SER A 112 9.98 6.25 0.87
C SER A 112 11.01 7.31 0.46
N GLY A 113 11.38 7.39 -0.82
CA GLY A 113 12.57 8.12 -1.20
C GLY A 113 12.38 9.64 -1.29
N ALA A 114 13.47 10.35 -1.05
CA ALA A 114 13.55 11.79 -1.25
C ALA A 114 14.95 12.17 -1.74
N SER A 115 15.34 11.67 -2.90
N SER A 115 15.36 11.61 -2.87
CA SER A 115 16.66 11.93 -3.48
CA SER A 115 16.64 11.93 -3.49
C SER A 115 16.57 12.05 -4.99
C SER A 115 16.47 12.11 -4.99
N SER A 116 17.09 13.16 -5.52
CA SER A 116 17.07 13.43 -6.96
C SER A 116 18.28 12.81 -7.66
N LYS A 117 18.13 12.60 -8.96
CA LYS A 117 19.27 12.23 -9.81
C LYS A 117 20.26 13.39 -9.89
N SER A 118 21.55 13.07 -9.93
CA SER A 118 22.61 14.09 -9.90
C SER A 118 23.91 13.45 -10.40
N GLU A 119 25.03 14.21 -10.28
CA GLU A 119 26.34 13.67 -10.59
C GLU A 119 26.65 12.41 -9.81
N LYS A 120 26.25 12.39 -8.53
CA LYS A 120 26.58 11.29 -7.65
C LYS A 120 25.51 10.21 -7.62
N ASN A 121 24.36 10.42 -8.27
CA ASN A 121 23.23 9.50 -8.20
C ASN A 121 22.78 9.14 -9.61
N GLU A 122 23.00 7.87 -10.00
CA GLU A 122 22.53 7.42 -11.31
C GLU A 122 21.01 7.45 -11.41
N TYR A 123 20.30 7.17 -10.32
CA TYR A 123 18.84 7.14 -10.31
C TYR A 123 18.28 8.10 -9.26
N ALA A 124 17.08 8.60 -9.52
CA ALA A 124 16.28 9.37 -8.57
C ALA A 124 15.36 8.44 -7.81
N PHE A 125 15.25 8.64 -6.48
CA PHE A 125 14.32 7.88 -5.65
C PHE A 125 13.42 8.88 -4.93
N MET A 126 12.24 9.16 -5.50
CA MET A 126 11.42 10.27 -5.06
C MET A 126 10.01 9.87 -4.63
N GLY A 127 9.80 8.62 -4.21
CA GLY A 127 8.45 8.15 -3.89
C GLY A 127 7.67 9.03 -2.91
N ALA A 128 8.32 9.45 -1.82
CA ALA A 128 7.60 10.27 -0.84
C ALA A 128 7.23 11.63 -1.41
N LEU A 129 8.08 12.17 -2.29
CA LEU A 129 7.81 13.47 -2.93
C LEU A 129 6.78 13.35 -4.05
N ILE A 130 6.72 12.20 -4.73
CA ILE A 130 5.68 11.98 -5.75
C ILE A 130 4.28 12.08 -5.13
N ILE A 131 4.08 11.43 -3.99
CA ILE A 131 2.76 11.49 -3.32
C ILE A 131 2.41 12.94 -2.97
N GLN A 132 3.37 13.69 -2.41
CA GLN A 132 3.10 15.07 -2.00
C GLN A 132 2.75 15.94 -3.21
N GLU A 133 3.44 15.75 -4.34
CA GLU A 133 3.19 16.58 -5.51
C GLU A 133 1.86 16.21 -6.19
N VAL A 134 1.51 14.93 -6.21
CA VAL A 134 0.20 14.54 -6.72
C VAL A 134 -0.90 15.21 -5.92
N VAL A 135 -0.79 15.15 -4.58
CA VAL A 135 -1.80 15.77 -3.73
C VAL A 135 -1.90 17.27 -4.01
N ARG A 136 -0.75 17.94 -4.13
CA ARG A 136 -0.76 19.39 -4.34
C ARG A 136 -1.43 19.76 -5.66
N GLU A 137 -1.16 19.00 -6.73
CA GLU A 137 -1.73 19.33 -8.03
C GLU A 137 -3.21 18.96 -8.11
N LEU A 138 -3.65 17.97 -7.34
CA LEU A 138 -5.08 17.61 -7.32
C LEU A 138 -5.93 18.65 -6.60
N LEU A 139 -5.34 19.42 -5.66
CA LEU A 139 -6.13 20.40 -4.92
C LEU A 139 -6.77 21.43 -5.85
N GLY A 140 -6.14 21.72 -6.98
CA GLY A 140 -6.71 22.61 -7.97
C GLY A 140 -7.66 21.97 -8.97
N ARG A 141 -7.78 20.65 -8.94
CA ARG A 141 -8.70 19.89 -9.79
C ARG A 141 -9.86 19.30 -9.02
N GLY A 142 -10.19 19.84 -7.85
CA GLY A 142 -11.35 19.45 -7.08
C GLY A 142 -11.08 18.86 -5.72
N LEU A 143 -9.84 18.40 -5.45
CA LEU A 143 -9.55 17.82 -4.14
C LEU A 143 -9.79 18.81 -3.00
N SER A 144 -9.73 20.12 -3.29
CA SER A 144 -9.98 21.13 -2.26
C SER A 144 -11.37 21.01 -1.65
N GLY A 145 -12.32 20.43 -2.37
CA GLY A 145 -13.67 20.25 -1.87
C GLY A 145 -13.95 18.92 -1.22
N ALA A 146 -12.94 18.08 -1.01
CA ALA A 146 -13.16 16.72 -0.52
C ALA A 146 -13.59 16.73 0.95
N LYS A 147 -14.38 15.72 1.31
CA LYS A 147 -14.62 15.42 2.72
C LYS A 147 -13.75 14.27 3.25
N VAL A 148 -13.41 13.30 2.41
CA VAL A 148 -12.52 12.19 2.81
C VAL A 148 -11.52 11.95 1.69
N LEU A 149 -10.24 11.79 2.07
CA LEU A 149 -9.18 11.34 1.18
C LEU A 149 -8.70 9.99 1.71
N LEU A 150 -8.95 8.91 0.97
CA LEU A 150 -8.50 7.56 1.32
C LEU A 150 -7.24 7.24 0.52
N LEU A 151 -6.12 7.13 1.22
CA LEU A 151 -4.85 6.74 0.60
C LEU A 151 -4.75 5.23 0.73
N ALA A 152 -4.86 4.53 -0.41
CA ALA A 152 -4.85 3.08 -0.46
C ALA A 152 -3.64 2.58 -1.26
N GLY A 153 -3.34 1.28 -1.16
CA GLY A 153 -2.23 0.74 -1.94
C GLY A 153 -2.06 -0.74 -1.69
N SER A 154 -1.40 -1.41 -2.65
CA SER A 154 -1.20 -2.87 -2.58
C SER A 154 0.29 -3.22 -2.64
N SER A 155 0.69 -4.20 -1.79
CA SER A 155 2.06 -4.74 -1.71
CA SER A 155 2.06 -4.73 -1.73
C SER A 155 3.03 -3.63 -1.35
N ALA A 156 4.04 -3.28 -2.17
CA ALA A 156 4.89 -2.14 -1.84
C ALA A 156 4.08 -0.86 -1.65
N GLY A 157 2.94 -0.75 -2.34
CA GLY A 157 2.06 0.39 -2.13
C GLY A 157 1.31 0.31 -0.80
N GLY A 158 1.06 -0.89 -0.31
CA GLY A 158 0.46 -1.03 1.01
C GLY A 158 1.40 -0.60 2.12
N THR A 159 2.67 -1.01 2.05
CA THR A 159 3.66 -0.47 2.97
C THR A 159 3.79 1.04 2.79
N GLY A 160 3.72 1.51 1.53
CA GLY A 160 3.74 2.95 1.25
C GLY A 160 2.66 3.75 1.96
N VAL A 161 1.45 3.18 2.08
CA VAL A 161 0.37 3.84 2.85
C VAL A 161 0.82 4.06 4.29
N LEU A 162 1.31 3.00 4.94
CA LEU A 162 1.75 3.12 6.33
C LEU A 162 2.83 4.19 6.48
N LEU A 163 3.74 4.30 5.50
CA LEU A 163 4.84 5.25 5.60
C LEU A 163 4.41 6.69 5.30
N ASN A 164 3.32 6.91 4.57
CA ASN A 164 3.00 8.24 4.05
C ASN A 164 1.65 8.84 4.51
N VAL A 165 0.74 8.06 5.10
CA VAL A 165 -0.60 8.59 5.39
C VAL A 165 -0.56 9.80 6.34
N ASP A 166 0.27 9.76 7.40
CA ASP A 166 0.35 10.89 8.32
C ASP A 166 1.02 12.11 7.69
N ARG A 167 1.92 11.88 6.73
CA ARG A 167 2.55 13.02 6.07
C ARG A 167 1.57 13.73 5.15
N VAL A 168 0.66 12.99 4.51
CA VAL A 168 -0.40 13.61 3.71
C VAL A 168 -1.31 14.43 4.61
N ALA A 169 -1.67 13.89 5.77
CA ALA A 169 -2.52 14.62 6.70
C ALA A 169 -1.85 15.92 7.15
N GLU A 170 -0.54 15.86 7.45
CA GLU A 170 0.18 17.06 7.89
C GLU A 170 0.28 18.08 6.75
N GLN A 171 0.53 17.60 5.52
CA GLN A 171 0.64 18.48 4.36
C GLN A 171 -0.66 19.27 4.16
N LEU A 172 -1.81 18.59 4.25
CA LEU A 172 -3.08 19.28 4.00
C LEU A 172 -3.38 20.29 5.09
N GLU A 173 -3.04 19.97 6.34
CA GLU A 173 -3.22 20.93 7.42
C GLU A 173 -2.33 22.16 7.22
N LYS A 174 -1.08 21.95 6.81
CA LYS A 174 -0.18 23.08 6.61
C LYS A 174 -0.58 23.93 5.40
N LEU A 175 -1.17 23.32 4.36
CA LEU A 175 -1.62 24.09 3.21
C LEU A 175 -2.94 24.81 3.45
N GLY A 176 -3.64 24.53 4.54
CA GLY A 176 -4.86 25.25 4.88
C GLY A 176 -6.15 24.52 4.59
N TYR A 177 -6.14 23.19 4.58
CA TYR A 177 -7.32 22.36 4.32
C TYR A 177 -7.56 21.44 5.51
N PRO A 178 -7.96 21.98 6.67
CA PRO A 178 -8.11 21.12 7.86
C PRO A 178 -9.38 20.28 7.88
N ALA A 179 -10.33 20.51 6.98
CA ALA A 179 -11.59 19.79 6.97
C ALA A 179 -11.54 18.46 6.21
N ILE A 180 -10.47 18.21 5.45
CA ILE A 180 -10.35 16.96 4.69
C ILE A 180 -9.87 15.88 5.65
N GLN A 181 -10.66 14.81 5.80
CA GLN A 181 -10.28 13.70 6.67
C GLN A 181 -9.43 12.70 5.88
N VAL A 182 -8.17 12.52 6.29
CA VAL A 182 -7.23 11.62 5.63
C VAL A 182 -7.22 10.27 6.36
N ARG A 183 -7.36 9.17 5.60
CA ARG A 183 -7.39 7.81 6.12
C ARG A 183 -6.54 6.91 5.21
N GLY A 184 -6.17 5.74 5.72
CA GLY A 184 -5.35 4.81 4.96
C GLY A 184 -5.96 3.42 4.84
N LEU A 185 -5.65 2.77 3.71
CA LEU A 185 -6.04 1.38 3.47
C LEU A 185 -4.81 0.63 2.94
N ALA A 186 -4.20 -0.22 3.78
CA ALA A 186 -2.95 -0.90 3.47
C ALA A 186 -3.21 -2.37 3.13
N ASP A 187 -3.09 -2.72 1.84
CA ASP A 187 -3.37 -4.08 1.33
C ASP A 187 -2.05 -4.83 1.06
N SER A 188 -1.87 -5.98 1.71
CA SER A 188 -0.77 -6.90 1.37
C SER A 188 0.61 -6.28 1.60
N GLY A 189 0.71 -5.38 2.57
CA GLY A 189 1.96 -4.72 2.90
C GLY A 189 2.38 -4.85 4.35
N TRP A 190 1.82 -5.84 5.08
CA TRP A 190 2.06 -6.06 6.52
C TRP A 190 2.91 -7.33 6.69
N PHE A 191 4.23 -7.15 6.82
CA PHE A 191 5.18 -8.26 6.82
C PHE A 191 5.78 -8.50 8.20
N LEU A 192 6.33 -9.70 8.37
CA LEU A 192 6.99 -10.09 9.62
C LEU A 192 8.48 -10.30 9.38
N ASP A 193 9.31 -9.75 10.27
CA ASP A 193 10.76 -9.98 10.28
C ASP A 193 11.05 -11.26 11.09
N ASN A 194 10.60 -12.38 10.55
CA ASN A 194 10.60 -13.66 11.26
C ASN A 194 11.81 -14.53 10.89
N LYS A 195 11.90 -15.67 11.56
CA LYS A 195 12.89 -16.68 11.20
C LYS A 195 12.49 -17.34 9.90
N GLN A 196 13.44 -17.49 8.99
CA GLN A 196 13.20 -18.15 7.73
C GLN A 196 13.13 -19.68 7.90
N TYR A 197 12.41 -20.33 6.99
CA TYR A 197 12.34 -21.80 7.02
C TYR A 197 13.67 -22.42 6.63
N ARG A 198 14.32 -21.88 5.60
CA ARG A 198 15.69 -22.24 5.22
C ARG A 198 16.46 -20.96 4.90
N PRO A 210 17.23 -10.92 5.13
CA PRO A 210 16.59 -10.14 4.07
C PRO A 210 16.14 -8.75 4.55
N THR A 211 16.06 -8.52 5.87
CA THR A 211 15.92 -7.16 6.36
C THR A 211 17.15 -6.32 5.99
N GLU A 212 18.26 -6.98 5.66
CA GLU A 212 19.44 -6.25 5.21
C GLU A 212 19.18 -5.50 3.92
N ALA A 213 18.31 -6.03 3.05
CA ALA A 213 18.03 -5.33 1.79
C ALA A 213 17.31 -4.02 2.03
N ILE A 214 16.36 -3.99 2.97
CA ILE A 214 15.68 -2.74 3.33
C ILE A 214 16.66 -1.75 3.95
N ARG A 215 17.53 -2.23 4.86
CA ARG A 215 18.48 -1.34 5.51
C ARG A 215 19.42 -0.70 4.49
N ARG A 216 19.91 -1.48 3.52
CA ARG A 216 20.76 -0.92 2.48
C ARG A 216 19.96 0.02 1.56
N GLY A 217 18.73 -0.37 1.23
CA GLY A 217 17.90 0.48 0.39
C GLY A 217 17.68 1.86 0.97
N ILE A 218 17.36 1.95 2.27
CA ILE A 218 17.12 3.25 2.90
C ILE A 218 18.31 4.18 2.70
N ARG A 219 19.53 3.67 2.85
CA ARG A 219 20.69 4.53 2.65
C ARG A 219 20.84 4.93 1.18
N TYR A 220 20.55 4.00 0.26
CA TYR A 220 20.67 4.25 -1.17
C TYR A 220 19.61 5.25 -1.66
N TRP A 221 18.42 5.23 -1.07
CA TRP A 221 17.31 6.05 -1.52
C TRP A 221 17.22 7.40 -0.82
N ASN A 222 17.96 7.60 0.26
CA ASN A 222 17.64 8.63 1.26
C ASN A 222 16.19 8.49 1.72
N GLY A 223 15.87 7.29 2.22
CA GLY A 223 14.49 6.99 2.56
C GLY A 223 14.06 7.69 3.84
N VAL A 224 12.78 8.04 3.90
CA VAL A 224 12.19 8.73 5.04
C VAL A 224 11.04 7.90 5.62
N VAL A 225 10.92 7.92 6.94
CA VAL A 225 9.89 7.18 7.66
C VAL A 225 9.10 8.16 8.52
N PRO A 226 7.92 7.77 9.01
CA PRO A 226 7.14 8.70 9.86
C PRO A 226 7.91 9.12 11.10
N GLU A 227 7.72 10.40 11.50
CA GLU A 227 8.59 11.00 12.51
C GLU A 227 8.45 10.33 13.89
N ARG A 228 7.23 9.96 14.32
CA ARG A 228 7.13 9.34 15.64
C ARG A 228 7.82 7.99 15.67
N CYS A 229 7.71 7.23 14.58
CA CYS A 229 8.42 5.95 14.50
C CYS A 229 9.94 6.15 14.46
N ARG A 230 10.39 7.15 13.70
CA ARG A 230 11.82 7.47 13.65
C ARG A 230 12.37 7.79 15.04
N ARG A 231 11.62 8.56 15.84
CA ARG A 231 12.09 8.96 17.17
C ARG A 231 12.16 7.77 18.13
N GLN A 232 11.31 6.75 17.93
CA GLN A 232 11.38 5.55 18.76
C GLN A 232 12.63 4.72 18.45
N PHE A 233 12.88 4.45 17.18
CA PHE A 233 13.94 3.51 16.81
C PHE A 233 15.31 4.17 16.64
N GLN A 234 15.36 5.46 16.29
CA GLN A 234 16.57 6.29 16.28
C GLN A 234 17.55 5.95 15.16
N GLU A 235 18.71 6.60 15.14
CA GLU A 235 19.53 6.59 13.93
C GLU A 235 20.01 5.19 13.58
N GLY A 236 19.98 4.89 12.28
CA GLY A 236 20.39 3.62 11.75
C GLY A 236 19.42 2.49 11.95
N GLU A 237 18.33 2.70 12.69
CA GLU A 237 17.34 1.65 12.94
C GLU A 237 16.01 1.93 12.26
N GLU A 238 15.99 2.82 11.25
CA GLU A 238 14.75 3.20 10.60
C GLU A 238 14.10 2.06 9.82
N TRP A 239 14.87 1.01 9.47
CA TRP A 239 14.29 -0.16 8.80
C TRP A 239 13.12 -0.75 9.59
N ASN A 240 13.14 -0.62 10.92
CA ASN A 240 12.03 -1.14 11.74
C ASN A 240 10.68 -0.58 11.31
N CYS A 241 10.65 0.67 10.85
CA CYS A 241 9.40 1.35 10.49
C CYS A 241 8.79 0.84 9.19
N PHE A 242 9.48 -0.02 8.42
CA PHE A 242 8.89 -0.66 7.25
C PHE A 242 8.05 -1.88 7.60
N PHE A 243 8.01 -2.27 8.88
CA PHE A 243 7.26 -3.43 9.33
C PHE A 243 5.97 -2.95 10.01
N GLY A 244 4.83 -3.32 9.42
CA GLY A 244 3.54 -2.80 9.84
C GLY A 244 3.30 -2.85 11.35
N TYR A 245 3.61 -3.98 11.98
CA TYR A 245 3.29 -4.12 13.40
C TYR A 245 4.09 -3.16 14.27
N LYS A 246 5.21 -2.61 13.78
CA LYS A 246 6.02 -1.64 14.53
C LYS A 246 5.63 -0.20 14.23
N VAL A 247 5.25 0.10 12.99
CA VAL A 247 4.90 1.47 12.59
C VAL A 247 3.44 1.82 12.89
N TYR A 248 2.51 0.87 12.73
CA TYR A 248 1.08 1.13 12.95
C TYR A 248 0.78 1.82 14.29
N PRO A 249 1.29 1.36 15.43
CA PRO A 249 0.95 2.02 16.70
C PRO A 249 1.41 3.47 16.80
N THR A 250 2.31 3.91 15.91
CA THR A 250 2.77 5.29 15.96
C THR A 250 1.92 6.24 15.14
N LEU A 251 0.97 5.72 14.35
CA LEU A 251 0.22 6.55 13.41
C LEU A 251 -1.02 7.15 14.05
N ARG A 252 -1.36 8.36 13.59
CA ARG A 252 -2.55 9.05 14.08
C ARG A 252 -3.76 8.95 13.16
N SER A 253 -3.55 8.81 11.85
CA SER A 253 -4.68 8.70 10.92
C SER A 253 -5.31 7.31 11.02
N PRO A 254 -6.64 7.19 10.86
CA PRO A 254 -7.27 5.86 10.83
C PRO A 254 -6.74 5.02 9.67
N VAL A 255 -6.38 3.76 9.94
CA VAL A 255 -5.82 2.85 8.93
C VAL A 255 -6.49 1.49 9.02
N PHE A 256 -7.03 1.02 7.88
CA PHE A 256 -7.62 -0.32 7.75
C PHE A 256 -6.56 -1.23 7.11
N VAL A 257 -6.33 -2.41 7.70
CA VAL A 257 -5.25 -3.31 7.27
C VAL A 257 -5.86 -4.57 6.64
N VAL A 258 -5.49 -4.87 5.40
CA VAL A 258 -5.87 -6.11 4.70
C VAL A 258 -4.60 -6.95 4.52
N GLN A 259 -4.64 -8.22 4.98
CA GLN A 259 -3.45 -9.08 4.87
C GLN A 259 -3.85 -10.55 4.91
N TRP A 260 -3.46 -11.32 3.89
CA TRP A 260 -3.62 -12.78 3.97
C TRP A 260 -2.76 -13.32 5.11
N LEU A 261 -3.29 -14.32 5.84
CA LEU A 261 -2.49 -14.90 6.92
C LEU A 261 -1.29 -15.67 6.38
N PHE A 262 -1.40 -16.20 5.15
CA PHE A 262 -0.31 -16.93 4.52
C PHE A 262 0.06 -16.27 3.19
N ASP A 263 0.53 -15.02 3.26
CA ASP A 263 0.82 -14.25 2.06
C ASP A 263 1.98 -14.88 1.27
N GLU A 264 1.81 -15.00 -0.05
CA GLU A 264 2.81 -15.69 -0.87
C GLU A 264 4.16 -14.98 -0.87
N ALA A 265 4.17 -13.65 -0.80
CA ALA A 265 5.45 -12.94 -0.77
C ALA A 265 6.17 -13.16 0.55
N GLN A 266 5.43 -13.17 1.66
CA GLN A 266 6.03 -13.52 2.96
C GLN A 266 6.66 -14.91 2.90
N LEU A 267 5.94 -15.90 2.38
CA LEU A 267 6.49 -17.25 2.29
C LEU A 267 7.71 -17.31 1.36
N THR A 268 7.70 -16.53 0.28
CA THR A 268 8.84 -16.52 -0.64
C THR A 268 10.11 -16.03 0.06
N VAL A 269 10.02 -14.89 0.76
CA VAL A 269 11.19 -14.41 1.48
C VAL A 269 11.60 -15.37 2.61
N ASP A 270 10.65 -16.14 3.15
CA ASP A 270 10.97 -17.15 4.15
C ASP A 270 11.53 -18.43 3.53
N ASN A 271 11.66 -18.48 2.20
CA ASN A 271 12.21 -19.64 1.48
C ASN A 271 11.32 -20.88 1.59
N VAL A 272 9.99 -20.66 1.53
CA VAL A 272 9.00 -21.73 1.52
C VAL A 272 8.39 -21.81 0.12
N HIS A 273 8.40 -23.02 -0.46
CA HIS A 273 7.90 -23.24 -1.82
C HIS A 273 7.13 -24.55 -1.84
N LEU A 274 5.81 -24.46 -1.92
CA LEU A 274 4.95 -25.63 -1.86
C LEU A 274 4.79 -26.33 -3.22
N VAL A 279 3.56 -32.23 2.69
CA VAL A 279 4.16 -31.37 3.71
C VAL A 279 4.51 -32.18 4.97
N GLN A 280 5.78 -32.19 5.36
CA GLN A 280 6.18 -32.95 6.53
C GLN A 280 6.11 -32.09 7.79
N GLU A 281 6.40 -32.72 8.94
CA GLU A 281 6.07 -32.11 10.23
C GLU A 281 6.73 -30.75 10.42
N GLY A 282 8.00 -30.62 10.04
CA GLY A 282 8.70 -29.37 10.30
C GLY A 282 8.10 -28.20 9.56
N LEU A 283 7.74 -28.40 8.28
CA LEU A 283 7.13 -27.34 7.51
C LEU A 283 5.69 -27.08 7.95
N ARG A 284 4.97 -28.14 8.35
CA ARG A 284 3.61 -27.94 8.87
CA ARG A 284 3.62 -27.94 8.87
C ARG A 284 3.63 -27.04 10.10
N LEU A 285 4.52 -27.31 11.05
CA LEU A 285 4.63 -26.46 12.24
C LEU A 285 5.05 -25.03 11.88
N TYR A 286 5.95 -24.88 10.90
CA TYR A 286 6.39 -23.54 10.48
C TYR A 286 5.22 -22.71 9.94
N ILE A 287 4.43 -23.29 9.05
CA ILE A 287 3.31 -22.60 8.43
C ILE A 287 2.24 -22.25 9.47
N GLN A 288 1.95 -23.19 10.38
CA GLN A 288 0.96 -22.92 11.42
C GLN A 288 1.41 -21.80 12.34
N ASN A 289 2.70 -21.79 12.69
CA ASN A 289 3.23 -20.73 13.55
C ASN A 289 3.18 -19.37 12.85
N LEU A 290 3.43 -19.33 11.53
CA LEU A 290 3.37 -18.07 10.80
C LEU A 290 1.96 -17.48 10.86
N GLY A 291 0.95 -18.32 10.63
CA GLY A 291 -0.42 -17.84 10.74
C GLY A 291 -0.76 -17.31 12.12
N ARG A 292 -0.33 -18.01 13.17
CA ARG A 292 -0.61 -17.57 14.54
C ARG A 292 0.10 -16.25 14.83
N GLU A 293 1.34 -16.10 14.37
CA GLU A 293 2.07 -14.84 14.59
C GLU A 293 1.39 -13.68 13.87
N LEU A 294 0.94 -13.89 12.63
CA LEU A 294 0.27 -12.79 11.93
C LEU A 294 -1.02 -12.39 12.63
N ARG A 295 -1.83 -13.38 13.01
CA ARG A 295 -3.06 -13.12 13.75
C ARG A 295 -2.76 -12.36 15.04
N HIS A 296 -1.67 -12.72 15.75
CA HIS A 296 -1.32 -12.03 16.98
C HIS A 296 -1.03 -10.55 16.75
N THR A 297 -0.31 -10.21 15.65
CA THR A 297 0.04 -8.81 15.40
C THR A 297 -1.18 -7.97 15.06
N LEU A 298 -2.30 -8.60 14.71
CA LEU A 298 -3.52 -7.85 14.37
C LEU A 298 -4.51 -7.76 15.54
N LYS A 299 -4.17 -8.32 16.71
CA LYS A 299 -5.12 -8.36 17.82
C LYS A 299 -5.57 -6.96 18.22
N ASP A 300 -4.65 -5.99 18.22
CA ASP A 300 -4.98 -4.61 18.60
C ASP A 300 -5.16 -3.69 17.40
N VAL A 301 -5.56 -4.24 16.25
CA VAL A 301 -5.84 -3.44 15.05
C VAL A 301 -7.35 -3.49 14.82
N PRO A 302 -8.11 -2.47 15.20
CA PRO A 302 -9.58 -2.61 15.21
C PRO A 302 -10.21 -2.71 13.83
N ALA A 303 -9.59 -2.16 12.79
CA ALA A 303 -10.14 -2.24 11.44
C ALA A 303 -9.18 -3.09 10.60
N SER A 304 -9.57 -4.35 10.35
CA SER A 304 -8.68 -5.27 9.65
C SER A 304 -9.48 -6.42 9.02
N PHE A 305 -8.89 -7.00 7.97
CA PHE A 305 -9.51 -8.09 7.19
C PHE A 305 -8.38 -9.04 6.84
N ALA A 306 -8.35 -10.20 7.49
CA ALA A 306 -7.23 -11.12 7.39
C ALA A 306 -7.66 -12.59 7.20
N PRO A 307 -7.90 -12.98 5.95
CA PRO A 307 -8.38 -14.35 5.70
C PRO A 307 -7.27 -15.40 5.70
N ALA A 308 -7.66 -16.63 6.07
CA ALA A 308 -6.72 -17.75 6.17
C ALA A 308 -6.51 -18.40 4.79
N CYS A 309 -5.75 -17.70 3.93
CA CYS A 309 -5.53 -18.11 2.54
C CYS A 309 -4.07 -17.93 2.17
N LEU A 310 -3.61 -18.81 1.26
CA LEU A 310 -2.32 -18.69 0.58
C LEU A 310 -2.56 -17.96 -0.75
N SER A 311 -2.11 -16.71 -0.86
CA SER A 311 -2.47 -15.93 -2.02
C SER A 311 -1.51 -14.76 -2.21
N HIS A 312 -1.43 -14.29 -3.46
CA HIS A 312 -0.84 -13.02 -3.85
C HIS A 312 -1.86 -12.04 -4.43
N GLU A 313 -3.17 -12.32 -4.31
CA GLU A 313 -4.21 -11.49 -4.94
C GLU A 313 -4.41 -10.17 -4.20
N ILE A 314 -4.78 -9.12 -4.95
CA ILE A 314 -4.89 -7.76 -4.40
C ILE A 314 -6.25 -7.13 -4.70
N ILE A 315 -6.51 -5.98 -4.04
CA ILE A 315 -7.85 -5.37 -4.00
C ILE A 315 -8.26 -4.63 -5.26
N ILE A 316 -7.38 -4.51 -6.25
CA ILE A 316 -7.78 -3.97 -7.55
C ILE A 316 -8.16 -5.08 -8.53
N ARG A 317 -8.26 -6.33 -8.07
CA ARG A 317 -8.76 -7.35 -8.98
C ARG A 317 -10.29 -7.32 -9.05
N SER A 318 -10.83 -7.72 -10.20
CA SER A 318 -12.25 -7.51 -10.44
C SER A 318 -13.15 -8.34 -9.52
N HIS A 319 -12.68 -9.51 -9.05
CA HIS A 319 -13.49 -10.36 -8.18
C HIS A 319 -13.13 -10.20 -6.71
N TRP A 320 -12.62 -9.03 -6.30
CA TRP A 320 -12.26 -8.79 -4.91
C TRP A 320 -13.45 -8.95 -3.96
N THR A 321 -14.68 -8.90 -4.46
CA THR A 321 -15.86 -8.98 -3.61
C THR A 321 -16.14 -10.39 -3.07
N ASP A 322 -15.47 -11.41 -3.60
CA ASP A 322 -15.91 -12.79 -3.34
C ASP A 322 -15.48 -13.34 -1.99
N VAL A 323 -14.31 -12.97 -1.47
N VAL A 323 -14.33 -12.92 -1.45
CA VAL A 323 -13.88 -13.56 -0.22
CA VAL A 323 -13.80 -13.49 -0.20
C VAL A 323 -14.72 -13.00 0.93
C VAL A 323 -14.58 -12.94 0.99
N GLN A 324 -14.86 -13.81 1.98
CA GLN A 324 -15.58 -13.42 3.19
C GLN A 324 -14.86 -13.99 4.42
N VAL A 325 -14.89 -13.24 5.52
CA VAL A 325 -14.43 -13.71 6.83
C VAL A 325 -15.62 -13.65 7.77
N LYS A 326 -15.95 -14.77 8.40
CA LYS A 326 -17.11 -14.84 9.30
C LYS A 326 -18.39 -14.37 8.61
N GLY A 327 -18.49 -14.59 7.30
CA GLY A 327 -19.66 -14.21 6.54
C GLY A 327 -19.72 -12.76 6.05
N THR A 328 -18.65 -11.98 6.20
CA THR A 328 -18.63 -10.57 5.81
C THR A 328 -17.54 -10.35 4.76
N SER A 329 -17.91 -9.71 3.63
CA SER A 329 -16.94 -9.40 2.58
C SER A 329 -16.13 -8.14 2.91
N LEU A 330 -15.03 -7.91 2.16
CA LEU A 330 -14.22 -6.71 2.38
C LEU A 330 -14.97 -5.43 1.99
N PRO A 331 -15.68 -5.36 0.86
CA PRO A 331 -16.51 -4.15 0.62
C PRO A 331 -17.47 -3.84 1.75
N ARG A 332 -18.09 -4.86 2.35
CA ARG A 332 -18.96 -4.60 3.50
C ARG A 332 -18.17 -4.07 4.68
N ALA A 333 -17.03 -4.70 5.01
CA ALA A 333 -16.23 -4.26 6.15
C ALA A 333 -15.77 -2.81 5.98
N LEU A 334 -15.38 -2.42 4.76
CA LEU A 334 -14.97 -1.04 4.51
C LEU A 334 -16.14 -0.07 4.70
N HIS A 335 -17.34 -0.44 4.26
CA HIS A 335 -18.53 0.37 4.52
C HIS A 335 -18.80 0.50 6.02
N CYS A 336 -18.66 -0.60 6.76
CA CYS A 336 -18.84 -0.53 8.21
C CYS A 336 -17.80 0.40 8.85
N TRP A 337 -16.58 0.39 8.32
CA TRP A 337 -15.54 1.31 8.80
C TRP A 337 -15.94 2.76 8.57
N ASP A 338 -16.44 3.08 7.36
CA ASP A 338 -16.96 4.43 7.08
C ASP A 338 -18.01 4.85 8.12
N ARG A 339 -18.96 3.95 8.41
CA ARG A 339 -20.00 4.26 9.39
C ARG A 339 -19.40 4.50 10.77
N SER A 340 -18.41 3.71 11.16
CA SER A 340 -17.80 3.86 12.48
C SER A 340 -17.05 5.18 12.64
N LEU A 341 -16.65 5.82 11.54
CA LEU A 341 -15.92 7.08 11.58
C LEU A 341 -16.84 8.29 11.42
N HIS A 342 -18.15 8.08 11.40
CA HIS A 342 -19.10 9.17 11.55
C HIS A 342 -18.89 9.83 12.91
N THR A 350 -20.59 1.56 20.88
CA THR A 350 -19.66 1.96 19.83
C THR A 350 -19.52 0.97 18.64
N PRO A 351 -19.38 -0.35 18.89
CA PRO A 351 -19.50 -1.29 17.77
C PRO A 351 -20.93 -1.30 17.22
N LEU A 352 -21.05 -1.63 15.94
CA LEU A 352 -22.29 -1.51 15.19
C LEU A 352 -22.95 -2.87 15.00
N LYS A 353 -24.28 -2.91 15.21
CA LYS A 353 -25.05 -4.14 15.09
C LYS A 353 -24.99 -4.68 13.65
N GLY A 354 -24.45 -5.89 13.52
CA GLY A 354 -24.39 -6.53 12.21
C GLY A 354 -23.42 -5.91 11.22
N CYS A 355 -22.57 -4.96 11.64
CA CYS A 355 -21.65 -4.27 10.73
C CYS A 355 -20.24 -4.29 11.33
N PRO A 356 -19.55 -5.42 11.22
CA PRO A 356 -18.23 -5.56 11.87
C PRO A 356 -17.10 -4.96 11.05
N VAL A 357 -16.04 -4.57 11.76
CA VAL A 357 -14.84 -4.04 11.12
C VAL A 357 -13.55 -4.79 11.47
N HIS A 358 -13.55 -5.67 12.50
CA HIS A 358 -12.39 -6.48 12.84
C HIS A 358 -12.66 -7.92 12.44
N LEU A 359 -12.02 -8.38 11.35
CA LEU A 359 -12.34 -9.67 10.72
C LEU A 359 -11.05 -10.45 10.45
N VAL A 360 -10.66 -11.29 11.42
CA VAL A 360 -9.41 -12.07 11.34
C VAL A 360 -9.75 -13.55 11.52
N ASP A 361 -9.39 -14.38 10.55
CA ASP A 361 -9.68 -15.81 10.66
C ASP A 361 -8.89 -16.42 11.82
N SER A 362 -9.49 -17.44 12.47
CA SER A 362 -8.82 -18.18 13.52
C SER A 362 -8.44 -19.61 13.13
N CYS A 363 -8.88 -20.11 11.96
CA CYS A 363 -8.53 -21.47 11.55
C CYS A 363 -7.08 -21.50 11.05
N PRO A 364 -6.37 -22.60 11.23
CA PRO A 364 -4.89 -22.56 11.24
C PRO A 364 -4.16 -22.98 9.97
N TRP A 365 -4.85 -23.22 8.85
CA TRP A 365 -4.18 -23.75 7.63
C TRP A 365 -4.74 -23.10 6.36
N PRO A 366 -3.91 -22.85 5.34
CA PRO A 366 -4.42 -22.23 4.11
C PRO A 366 -5.64 -22.95 3.54
N HIS A 367 -6.64 -22.16 3.18
CA HIS A 367 -7.88 -22.60 2.55
C HIS A 367 -8.82 -23.27 3.54
N CYS A 368 -8.55 -23.14 4.85
CA CYS A 368 -9.56 -23.53 5.83
C CYS A 368 -10.77 -22.62 5.78
N ASN A 369 -10.60 -21.43 5.23
CA ASN A 369 -11.74 -20.57 4.85
C ASN A 369 -12.19 -20.98 3.45
N PRO A 370 -13.46 -21.38 3.26
CA PRO A 370 -13.87 -21.89 1.94
C PRO A 370 -13.91 -20.84 0.83
N SER A 371 -13.94 -19.54 1.16
CA SER A 371 -14.05 -18.48 0.16
C SER A 371 -12.71 -17.98 -0.38
N CYS A 372 -11.59 -18.65 -0.05
CA CYS A 372 -10.28 -18.20 -0.50
C CYS A 372 -10.22 -18.18 -2.02
N PRO A 373 -9.42 -17.28 -2.60
CA PRO A 373 -9.30 -17.23 -4.07
C PRO A 373 -8.78 -18.53 -4.64
N THR A 374 -9.29 -18.87 -5.83
CA THR A 374 -8.81 -20.04 -6.57
C THR A 374 -7.62 -19.60 -7.44
S SO4 B . 8.74 -3.05 -19.50
O1 SO4 B . 8.08 -2.55 -18.29
O2 SO4 B . 8.79 -1.95 -20.47
O3 SO4 B . 10.10 -3.47 -19.19
O4 SO4 B . 7.98 -4.17 -20.03
C1 NAG C . 9.13 21.06 -7.61
C2 NAG C . 9.11 22.46 -6.98
C3 NAG C . 10.35 22.68 -6.12
C4 NAG C . 10.53 21.54 -5.12
C5 NAG C . 10.53 20.20 -5.85
C6 NAG C . 10.60 19.02 -4.92
C7 NAG C . 8.06 24.38 -8.11
C8 NAG C . 8.16 25.35 -9.25
N2 NAG C . 9.05 23.48 -8.03
O3 NAG C . 10.21 23.90 -5.42
O4 NAG C . 11.76 21.69 -4.42
O5 NAG C . 9.31 20.07 -6.58
O6 NAG C . 9.48 18.98 -4.03
O7 NAG C . 7.12 24.40 -7.32
N1 AW7 D . 5.99 -6.49 -3.92
N3 AW7 D . 10.15 -5.68 4.71
C4 AW7 D . 5.16 -8.27 -2.12
C5 AW7 D . 7.49 -5.20 -0.93
C6 AW7 D . 8.60 -5.98 -0.62
C7 AW7 D . 9.10 -5.98 0.66
C8 AW7 D . 8.52 -5.18 1.64
C10 AW7 D . 6.90 -4.41 0.04
C13 AW7 D . 9.26 -4.76 5.08
C1 AW7 D . 4.86 -8.49 -3.45
C2 AW7 D . 5.31 -7.55 -4.37
C3 AW7 D . 6.26 -6.33 -2.63
N2 AW7 D . 5.84 -7.21 -1.74
O1 AW7 D . 6.98 -5.19 -2.24
C9 AW7 D . 7.40 -4.40 1.33
C11 AW7 D . 9.00 -5.19 2.92
C12 AW7 D . 8.51 -4.42 3.98
N4 AW7 D . 9.98 -5.94 3.38
S SO4 E . 24.93 4.76 -8.27
O1 SO4 E . 23.58 4.38 -8.63
O2 SO4 E . 25.02 6.20 -8.14
O3 SO4 E . 25.29 4.14 -6.99
O4 SO4 E . 25.88 4.29 -9.28
S SO4 F . 4.63 13.03 20.51
O1 SO4 F . 3.81 13.66 19.46
O2 SO4 F . 4.04 13.33 21.81
O3 SO4 F . 4.65 11.57 20.29
O4 SO4 F . 5.99 13.55 20.44
C1 EDO G . -5.81 27.49 1.03
O1 EDO G . -6.07 28.73 1.67
C2 EDO G . -4.73 27.61 -0.01
O2 EDO G . -5.09 28.70 -0.86
C1 EDO H . 10.23 -29.18 2.88
O1 EDO H . 11.49 -29.23 3.59
C2 EDO H . 10.47 -28.72 1.45
O2 EDO H . 11.42 -29.61 0.85
C1 EDO I . -10.85 14.92 -15.46
O1 EDO I . -10.24 15.92 -16.29
C2 EDO I . -11.69 13.97 -16.30
O2 EDO I . -12.10 12.86 -15.50
C1 EDO J . -4.09 4.73 13.58
O1 EDO J . -3.21 4.15 12.62
C2 EDO J . -5.03 3.63 14.01
O2 EDO J . -5.96 3.36 12.95
C1 EDO K . -21.41 11.31 -2.45
O1 EDO K . -20.85 10.20 -3.18
C2 EDO K . -20.47 11.67 -1.31
O2 EDO K . -19.90 12.96 -1.55
C1 EDO L . 13.10 -11.90 8.08
O1 EDO L . 13.41 -10.60 7.59
C2 EDO L . 12.21 -12.59 7.05
O2 EDO L . 11.41 -11.59 6.42
C1 EDO M . 6.54 12.98 9.58
O1 EDO M . 7.50 13.59 8.69
C2 EDO M . 5.72 11.94 8.83
O2 EDO M . 4.67 11.44 9.68
C1 EDO N . -8.98 -9.25 -0.33
O1 EDO N . -8.24 -8.89 -1.51
C2 EDO N . -10.47 -9.06 -0.64
O2 EDO N . -10.86 -10.04 -1.63
C1 EDO O . -10.57 -14.70 -8.34
O1 EDO O . -9.75 -13.55 -8.20
C2 EDO O . -9.89 -15.87 -7.67
O2 EDO O . -8.52 -15.85 -8.04
C1 EDO P . -3.91 -18.00 -5.17
O1 EDO P . -4.84 -17.06 -4.62
C2 EDO P . -3.00 -17.25 -6.16
O2 EDO P . -2.58 -16.02 -5.55
C1 EDO Q . 1.40 2.85 -15.89
O1 EDO Q . 1.41 2.37 -14.54
C2 EDO Q . 2.33 1.95 -16.68
O2 EDO Q . 1.96 0.58 -16.48
C1 EDO R . -5.77 -0.47 -11.67
O1 EDO R . -7.19 -0.62 -11.76
C2 EDO R . -5.38 0.67 -12.59
O2 EDO R . -5.70 0.30 -13.93
C1 EDO S . -24.55 5.36 10.36
O1 EDO S . -24.47 4.93 11.73
C2 EDO S . -25.96 5.13 9.83
O2 EDO S . -25.88 4.85 8.44
C1 EDO T . -20.69 4.93 -1.79
O1 EDO T . -20.13 6.22 -1.52
C2 EDO T . -20.63 4.69 -3.29
O2 EDO T . -19.72 5.62 -3.88
C1 EDO U . -18.28 -19.61 0.90
O1 EDO U . -18.55 -18.44 0.11
C2 EDO U . -18.00 -20.79 -0.02
O2 EDO U . -16.88 -20.49 -0.87
C1 EDO V . -3.35 -14.10 19.30
O1 EDO V . -3.20 -14.35 20.70
C2 EDO V . -4.70 -14.61 18.83
O2 EDO V . -5.64 -13.54 18.85
#